data_3RQX
#
_entry.id   3RQX
#
_cell.length_a   91.585
_cell.length_b   91.585
_cell.length_c   168.890
_cell.angle_alpha   90.000
_cell.angle_beta   90.000
_cell.angle_gamma   90.000
#
_symmetry.space_group_name_H-M   'I 4 2 2'
#
loop_
_entity.id
_entity.type
_entity.pdbx_description
1 polymer 'ADP/ATP-DEPENDENT NAD(P)H-HYDRATE DEHYDRATASE'
2 non-polymer 'MAGNESIUM ION'
3 non-polymer "BIS(ADENOSINE)-5'-TETRAPHOSPHATE"
4 non-polymer 'CHLORIDE ION'
5 water water
#
_entity_poly.entity_id   1
_entity_poly.type   'polypeptide(L)'
_entity_poly.pdbx_seq_one_letter_code
;SNAMNVPFWTEEHVRATLPERDAESHKGTYGTALLLAGSDDMPGAALLAGLGAMRSGLGKLVIGTSENVIPLIVPVLPEA
TYWRDGWKKAADAQLEETYRAIAIGPGLPQTESVQQAVDHVLTADCPVILDAGALAKRTYPKREGPVILTPHPGEFFRMT
GVPVNELQKKRAEYAKEWAAQLQTVIVLKGNQTVIAFPDGDCWLNPTGNGALAKGGTGDTLTGMILGMLCCHEDPKHAVL
NAVYLHGACAELWTDEHSAHTLLAHELSDILPRVWKRFE
;
_entity_poly.pdbx_strand_id   A
#
loop_
_chem_comp.id
_chem_comp.type
_chem_comp.name
_chem_comp.formula
B4P non-polymer BIS(ADENOSINE)-5'-TETRAPHOSPHATE 'C20 H28 N10 O19 P4'
CL non-polymer 'CHLORIDE ION' 'Cl -1'
MG non-polymer 'MAGNESIUM ION' 'Mg 2'
#
# COMPACT_ATOMS: atom_id res chain seq x y z
N ALA A 3 8.46 18.61 17.35
CA ALA A 3 7.88 17.25 17.20
C ALA A 3 7.48 16.61 18.53
N MET A 4 7.13 15.33 18.42
CA MET A 4 6.92 14.39 19.54
C MET A 4 8.12 13.39 19.61
N ASN A 5 9.20 13.75 18.98
CA ASN A 5 10.31 12.82 18.80
C ASN A 5 9.93 11.43 18.32
N VAL A 6 9.28 11.37 17.18
CA VAL A 6 8.99 10.13 16.58
C VAL A 6 10.30 9.68 15.87
N PRO A 7 10.69 8.42 16.07
CA PRO A 7 11.95 7.95 15.45
C PRO A 7 11.76 7.67 13.94
N PHE A 8 12.88 7.76 13.22
CA PHE A 8 12.91 7.38 11.82
C PHE A 8 13.13 5.89 11.71
N TRP A 9 12.43 5.29 10.76
CA TRP A 9 12.74 3.92 10.39
C TRP A 9 13.95 3.96 9.47
N THR A 10 15.10 3.61 10.01
CA THR A 10 16.40 3.85 9.39
C THR A 10 16.90 2.66 8.60
N GLU A 11 17.98 2.87 7.88
CA GLU A 11 18.55 1.84 7.04
C GLU A 11 18.90 0.64 7.89
N GLU A 12 19.38 0.88 9.09
CA GLU A 12 19.76 -0.19 9.96
C GLU A 12 18.56 -1.07 10.29
N HIS A 13 17.42 -0.46 10.52
CA HIS A 13 16.19 -1.20 10.79
C HIS A 13 15.72 -2.00 9.57
N VAL A 14 15.82 -1.41 8.42
CA VAL A 14 15.44 -2.08 7.18
C VAL A 14 16.30 -3.34 6.96
N ARG A 15 17.60 -3.15 7.09
CA ARG A 15 18.56 -4.26 6.85
C ARG A 15 18.30 -5.41 7.81
N ALA A 16 17.92 -5.07 9.05
CA ALA A 16 17.69 -6.08 10.08
C ALA A 16 16.41 -6.85 9.93
N THR A 17 15.48 -6.32 9.15
CA THR A 17 14.14 -6.87 9.06
C THR A 17 13.68 -7.38 7.70
N LEU A 18 14.39 -7.07 6.64
CA LEU A 18 14.03 -7.57 5.30
C LEU A 18 14.23 -9.09 5.27
N PRO A 19 13.31 -9.80 4.64
CA PRO A 19 13.31 -11.25 4.66
C PRO A 19 14.25 -11.80 3.58
N GLU A 20 14.68 -13.04 3.81
CA GLU A 20 15.38 -13.89 2.84
C GLU A 20 14.43 -14.59 1.93
N ARG A 21 14.92 -14.87 0.72
CA ARG A 21 14.19 -15.78 -0.15
C ARG A 21 15.02 -17.02 -0.36
N ASP A 22 14.84 -18.00 0.51
CA ASP A 22 15.82 -19.06 0.53
C ASP A 22 15.65 -20.07 -0.58
N ALA A 23 16.70 -20.87 -0.81
CA ALA A 23 16.73 -21.85 -1.89
C ALA A 23 15.59 -22.84 -1.83
N GLU A 24 15.16 -23.19 -0.63
CA GLU A 24 14.17 -24.24 -0.48
C GLU A 24 12.72 -23.75 -0.66
N SER A 25 12.51 -22.46 -0.85
CA SER A 25 11.16 -21.93 -0.94
C SER A 25 10.44 -22.23 -2.28
N HIS A 26 9.12 -22.17 -2.19
CA HIS A 26 8.22 -22.28 -3.34
C HIS A 26 7.31 -21.10 -3.28
N LYS A 27 6.54 -20.86 -4.33
CA LYS A 27 5.84 -19.58 -4.39
C LYS A 27 4.77 -19.53 -3.30
N GLY A 28 4.21 -20.68 -2.94
CA GLY A 28 3.27 -20.75 -1.80
C GLY A 28 3.78 -20.19 -0.49
N THR A 29 5.09 -20.31 -0.25
CA THR A 29 5.73 -19.76 0.92
C THR A 29 5.45 -18.29 1.02
N TYR A 30 5.40 -17.63 -0.14
CA TYR A 30 5.25 -16.18 -0.25
C TYR A 30 3.84 -15.71 -0.50
N GLY A 31 2.89 -16.63 -0.61
CA GLY A 31 1.49 -16.26 -0.54
C GLY A 31 0.88 -15.73 -1.82
N THR A 32 -0.44 -15.76 -1.84
CA THR A 32 -1.24 -15.13 -2.88
C THR A 32 -1.85 -13.85 -2.33
N ALA A 33 -1.61 -12.75 -3.02
CA ALA A 33 -2.22 -11.46 -2.70
C ALA A 33 -3.41 -11.21 -3.61
N LEU A 34 -4.37 -10.47 -3.09
CA LEU A 34 -5.52 -9.96 -3.85
C LEU A 34 -5.44 -8.45 -3.89
N LEU A 35 -5.49 -7.91 -5.10
CA LEU A 35 -5.56 -6.48 -5.34
C LEU A 35 -6.87 -6.13 -6.00
N LEU A 36 -7.68 -5.36 -5.27
CA LEU A 36 -9.00 -4.89 -5.73
C LEU A 36 -8.82 -3.43 -6.13
N ALA A 37 -8.64 -3.18 -7.44
CA ALA A 37 -8.21 -1.88 -7.92
C ALA A 37 -8.53 -1.71 -9.38
N GLY A 38 -8.63 -0.46 -9.81
CA GLY A 38 -8.78 -0.09 -11.20
C GLY A 38 -10.23 -0.16 -11.66
N SER A 39 -10.69 0.90 -12.29
CA SER A 39 -12.06 0.95 -12.85
C SER A 39 -11.94 1.54 -14.21
N ASP A 40 -13.05 1.49 -14.95
CA ASP A 40 -12.95 1.88 -16.33
C ASP A 40 -12.50 3.33 -16.39
N ASP A 41 -12.97 4.11 -15.41
CA ASP A 41 -12.64 5.50 -15.40
C ASP A 41 -11.20 5.82 -14.88
N MET A 42 -10.65 4.97 -14.02
CA MET A 42 -9.30 5.15 -13.45
C MET A 42 -8.54 3.81 -13.53
N PRO A 43 -8.11 3.42 -14.74
CA PRO A 43 -7.56 2.12 -14.95
C PRO A 43 -6.09 2.01 -14.48
N GLY A 44 -5.30 3.10 -14.67
CA GLY A 44 -3.87 3.00 -14.47
C GLY A 44 -3.43 2.62 -13.10
N ALA A 45 -4.24 2.97 -12.11
CA ALA A 45 -3.91 2.62 -10.72
C ALA A 45 -3.71 1.15 -10.50
N ALA A 46 -4.48 0.32 -11.21
CA ALA A 46 -4.39 -1.13 -11.07
C ALA A 46 -3.07 -1.64 -11.63
N LEU A 47 -2.60 -1.07 -12.76
CA LEU A 47 -1.32 -1.47 -13.32
C LEU A 47 -0.19 -1.04 -12.33
N LEU A 48 -0.30 0.19 -11.84
CA LEU A 48 0.76 0.71 -10.93
C LEU A 48 0.84 -0.15 -9.66
N ALA A 49 -0.30 -0.43 -9.05
CA ALA A 49 -0.30 -1.24 -7.82
C ALA A 49 0.07 -2.68 -8.13
N GLY A 50 -0.38 -3.21 -9.26
CA GLY A 50 -0.01 -4.56 -9.64
C GLY A 50 1.46 -4.79 -9.80
N LEU A 51 2.12 -3.86 -10.49
CA LEU A 51 3.57 -3.92 -10.68
C LEU A 51 4.26 -3.81 -9.32
N GLY A 52 3.83 -2.84 -8.49
CA GLY A 52 4.48 -2.70 -7.19
C GLY A 52 4.34 -3.94 -6.37
N ALA A 53 3.20 -4.60 -6.42
CA ALA A 53 2.97 -5.81 -5.63
C ALA A 53 3.81 -6.97 -6.12
N MET A 54 3.81 -7.24 -7.43
CA MET A 54 4.61 -8.36 -7.95
C MET A 54 6.09 -8.17 -7.82
N ARG A 55 6.54 -6.91 -7.85
CA ARG A 55 7.91 -6.57 -7.59
C ARG A 55 8.32 -6.82 -6.14
N SER A 56 7.38 -6.95 -5.22
CA SER A 56 7.68 -6.83 -3.81
C SER A 56 7.57 -8.15 -3.04
N GLY A 57 7.87 -9.28 -3.70
CA GLY A 57 8.14 -10.50 -2.95
C GLY A 57 6.99 -11.46 -2.65
N LEU A 58 5.83 -11.19 -3.22
CA LEU A 58 4.70 -12.11 -3.14
C LEU A 58 5.00 -13.36 -3.97
N GLY A 59 4.13 -14.35 -3.80
CA GLY A 59 4.22 -15.60 -4.57
C GLY A 59 3.32 -15.51 -5.80
N LYS A 60 2.06 -15.08 -5.64
CA LYS A 60 1.10 -14.97 -6.74
C LYS A 60 0.28 -13.69 -6.50
N LEU A 61 -0.25 -13.10 -7.59
CA LEU A 61 -1.14 -11.95 -7.48
C LEU A 61 -2.40 -12.21 -8.29
N VAL A 62 -3.53 -12.04 -7.64
CA VAL A 62 -4.85 -11.98 -8.27
C VAL A 62 -5.30 -10.52 -8.26
N ILE A 63 -5.59 -9.98 -9.43
CA ILE A 63 -6.09 -8.61 -9.62
C ILE A 63 -7.58 -8.69 -9.92
N GLY A 64 -8.37 -8.19 -8.98
CA GLY A 64 -9.83 -8.07 -9.14
C GLY A 64 -10.16 -6.69 -9.65
N THR A 65 -10.05 -6.54 -10.93
CA THR A 65 -10.24 -5.25 -11.56
C THR A 65 -11.42 -5.38 -12.52
N SER A 66 -11.91 -4.21 -13.01
CA SER A 66 -12.95 -4.20 -13.99
C SER A 66 -12.55 -4.94 -15.24
N GLU A 67 -13.49 -5.62 -15.88
CA GLU A 67 -13.20 -6.41 -17.03
C GLU A 67 -12.42 -5.67 -18.11
N ASN A 68 -12.78 -4.42 -18.38
CA ASN A 68 -12.12 -3.66 -19.44
C ASN A 68 -10.72 -3.19 -19.10
N VAL A 69 -10.36 -3.30 -17.83
CA VAL A 69 -9.02 -2.92 -17.37
C VAL A 69 -8.04 -4.06 -17.56
N ILE A 70 -8.49 -5.31 -17.43
CA ILE A 70 -7.61 -6.49 -17.56
C ILE A 70 -6.70 -6.42 -18.79
N PRO A 71 -7.22 -6.14 -19.99
CA PRO A 71 -6.35 -6.13 -21.20
C PRO A 71 -5.24 -5.07 -21.16
N LEU A 72 -5.41 -4.07 -20.30
CA LEU A 72 -4.46 -2.97 -20.20
C LEU A 72 -3.30 -3.36 -19.30
N ILE A 73 -3.49 -4.37 -18.45
CA ILE A 73 -2.46 -4.82 -17.54
C ILE A 73 -1.60 -5.92 -18.13
N VAL A 74 -2.23 -6.85 -18.79
CA VAL A 74 -1.59 -8.09 -19.25
C VAL A 74 -0.27 -7.90 -20.01
N PRO A 75 -0.20 -7.00 -21.00
CA PRO A 75 1.06 -6.90 -21.75
C PRO A 75 2.20 -6.41 -20.93
N VAL A 76 1.93 -5.65 -19.87
CA VAL A 76 2.98 -5.09 -19.01
C VAL A 76 3.31 -6.02 -17.86
N LEU A 77 2.31 -6.74 -17.36
CA LEU A 77 2.44 -7.56 -16.16
C LEU A 77 1.77 -8.90 -16.45
N PRO A 78 2.38 -9.70 -17.35
CA PRO A 78 1.71 -10.97 -17.74
C PRO A 78 1.74 -12.02 -16.63
N GLU A 79 2.46 -11.75 -15.54
CA GLU A 79 2.53 -12.61 -14.40
C GLU A 79 1.33 -12.58 -13.49
N ALA A 80 0.49 -11.55 -13.63
CA ALA A 80 -0.71 -11.45 -12.79
C ALA A 80 -1.82 -12.31 -13.34
N THR A 81 -2.65 -12.78 -12.43
CA THR A 81 -3.93 -13.45 -12.77
C THR A 81 -5.06 -12.56 -12.32
N TYR A 82 -6.30 -12.95 -12.67
CA TYR A 82 -7.43 -12.05 -12.54
C TYR A 82 -8.65 -12.68 -11.87
N TRP A 83 -9.40 -11.82 -11.19
CA TRP A 83 -10.76 -12.08 -10.76
C TRP A 83 -11.58 -11.03 -11.45
N ARG A 84 -12.22 -11.46 -12.52
CA ARG A 84 -12.92 -10.54 -13.39
C ARG A 84 -13.99 -9.77 -12.64
N ASP A 85 -13.96 -8.43 -12.71
CA ASP A 85 -14.87 -7.56 -11.96
C ASP A 85 -14.84 -7.84 -10.48
N GLY A 86 -13.66 -8.20 -9.94
CA GLY A 86 -13.57 -8.66 -8.58
C GLY A 86 -13.97 -7.64 -7.51
N TRP A 87 -13.56 -6.39 -7.70
CA TRP A 87 -13.91 -5.36 -6.71
C TRP A 87 -15.41 -5.12 -6.65
N LYS A 88 -16.10 -5.26 -7.76
CA LYS A 88 -17.55 -5.22 -7.77
C LYS A 88 -18.20 -6.43 -7.15
N LYS A 89 -17.75 -7.63 -7.52
CA LYS A 89 -18.24 -8.86 -6.95
C LYS A 89 -18.07 -8.91 -5.44
N ALA A 90 -16.96 -8.34 -4.95
CA ALA A 90 -16.67 -8.32 -3.50
C ALA A 90 -17.69 -7.51 -2.73
N ALA A 91 -18.42 -6.62 -3.40
CA ALA A 91 -19.53 -5.88 -2.75
C ALA A 91 -20.64 -6.80 -2.36
N ASP A 92 -20.79 -7.91 -3.09
CA ASP A 92 -21.90 -8.82 -2.91
C ASP A 92 -21.63 -10.09 -2.12
N ALA A 93 -20.39 -10.52 -1.98
CA ALA A 93 -20.27 -11.74 -1.12
C ALA A 93 -18.90 -11.83 -0.51
N GLN A 94 -18.75 -12.79 0.39
CA GLN A 94 -17.55 -12.88 1.22
C GLN A 94 -16.57 -13.46 0.30
N LEU A 95 -15.31 -13.17 0.56
CA LEU A 95 -14.31 -13.85 -0.17
C LEU A 95 -14.32 -15.33 0.23
N GLU A 96 -14.34 -16.19 -0.78
CA GLU A 96 -14.31 -17.63 -0.62
C GLU A 96 -12.89 -18.14 -0.48
N GLU A 97 -11.96 -17.47 -1.17
CA GLU A 97 -10.55 -17.90 -1.24
C GLU A 97 -9.80 -17.22 -0.11
N THR A 98 -8.71 -17.88 0.32
CA THR A 98 -7.82 -17.41 1.34
C THR A 98 -6.65 -16.70 0.62
N TYR A 99 -6.38 -15.49 1.10
CA TYR A 99 -5.27 -14.72 0.61
C TYR A 99 -4.34 -14.42 1.75
N ARG A 100 -3.07 -14.24 1.43
CA ARG A 100 -2.06 -13.82 2.36
C ARG A 100 -2.23 -12.37 2.82
N ALA A 101 -2.69 -11.54 1.90
CA ALA A 101 -2.92 -10.11 2.11
C ALA A 101 -3.82 -9.61 1.00
N ILE A 102 -4.53 -8.55 1.31
CA ILE A 102 -5.51 -7.93 0.39
C ILE A 102 -5.33 -6.41 0.41
N ALA A 103 -5.36 -5.78 -0.77
CA ALA A 103 -5.46 -4.33 -0.89
C ALA A 103 -6.66 -3.95 -1.69
N ILE A 104 -7.32 -2.89 -1.28
CA ILE A 104 -8.50 -2.39 -1.98
C ILE A 104 -8.43 -0.88 -2.09
N GLY A 105 -8.78 -0.34 -3.27
CA GLY A 105 -9.06 1.08 -3.41
C GLY A 105 -8.41 1.88 -4.54
N PRO A 106 -7.16 1.59 -4.88
CA PRO A 106 -6.52 2.39 -5.97
C PRO A 106 -7.37 2.35 -7.23
N GLY A 107 -7.65 3.53 -7.77
CA GLY A 107 -8.51 3.61 -8.94
C GLY A 107 -9.97 3.25 -8.80
N LEU A 108 -10.45 3.15 -7.55
CA LEU A 108 -11.84 2.91 -7.29
C LEU A 108 -12.52 4.18 -6.86
N PRO A 109 -13.79 4.31 -7.26
CA PRO A 109 -14.56 5.46 -6.84
C PRO A 109 -14.93 5.45 -5.37
N GLN A 110 -15.25 6.61 -4.81
CA GLN A 110 -15.58 6.78 -3.41
C GLN A 110 -17.04 6.54 -3.20
N THR A 111 -17.43 5.29 -3.35
CA THR A 111 -18.83 4.95 -3.32
C THR A 111 -19.19 3.99 -2.20
N GLU A 112 -20.50 3.87 -1.95
CA GLU A 112 -21.05 2.96 -0.98
C GLU A 112 -20.74 1.51 -1.36
N SER A 113 -20.74 1.20 -2.67
CA SER A 113 -20.46 -0.16 -3.12
C SER A 113 -19.03 -0.57 -2.82
N VAL A 114 -18.11 0.38 -2.90
CA VAL A 114 -16.73 0.12 -2.56
C VAL A 114 -16.65 -0.12 -1.05
N GLN A 115 -17.40 0.65 -0.25
CA GLN A 115 -17.47 0.34 1.18
C GLN A 115 -18.04 -1.01 1.54
N GLN A 116 -19.02 -1.49 0.75
CA GLN A 116 -19.53 -2.82 0.92
C GLN A 116 -18.46 -3.86 0.64
N ALA A 117 -17.66 -3.62 -0.39
CA ALA A 117 -16.52 -4.50 -0.70
C ALA A 117 -15.50 -4.50 0.48
N VAL A 118 -15.22 -3.32 1.01
CA VAL A 118 -14.36 -3.19 2.19
C VAL A 118 -14.87 -4.04 3.34
N ASP A 119 -16.17 -3.94 3.63
CA ASP A 119 -16.75 -4.71 4.71
C ASP A 119 -16.54 -6.20 4.51
N HIS A 120 -16.69 -6.69 3.29
CA HIS A 120 -16.46 -8.09 3.03
C HIS A 120 -14.98 -8.47 3.11
N VAL A 121 -14.10 -7.63 2.62
CA VAL A 121 -12.62 -7.82 2.68
C VAL A 121 -12.22 -7.99 4.16
N LEU A 122 -12.84 -7.18 5.02
CA LEU A 122 -12.46 -7.16 6.46
C LEU A 122 -12.86 -8.42 7.22
N THR A 123 -13.74 -9.27 6.67
CA THR A 123 -14.05 -10.52 7.32
C THR A 123 -13.00 -11.60 7.05
N ALA A 124 -12.08 -11.38 6.09
CA ALA A 124 -10.94 -12.28 5.90
C ALA A 124 -9.99 -12.19 7.11
N ASP A 125 -9.22 -13.23 7.31
CA ASP A 125 -8.19 -13.23 8.32
C ASP A 125 -6.91 -13.09 7.55
N CYS A 126 -6.55 -11.85 7.27
CA CYS A 126 -5.25 -11.50 6.74
C CYS A 126 -5.14 -9.96 6.88
N PRO A 127 -3.91 -9.44 6.75
CA PRO A 127 -3.79 -7.98 6.68
C PRO A 127 -4.51 -7.43 5.45
N VAL A 128 -5.12 -6.27 5.63
CA VAL A 128 -5.80 -5.56 4.56
C VAL A 128 -5.36 -4.12 4.48
N ILE A 129 -5.12 -3.63 3.26
CA ILE A 129 -4.76 -2.26 3.00
C ILE A 129 -5.96 -1.59 2.34
N LEU A 130 -6.36 -0.43 2.85
CA LEU A 130 -7.35 0.42 2.24
C LEU A 130 -6.70 1.72 1.76
N ASP A 131 -6.95 2.07 0.51
CA ASP A 131 -6.35 3.25 -0.08
C ASP A 131 -7.34 3.95 -0.99
N ALA A 132 -7.08 5.21 -1.26
CA ALA A 132 -7.85 5.91 -2.26
C ALA A 132 -9.35 5.89 -2.05
N GLY A 133 -10.05 5.33 -3.02
CA GLY A 133 -11.50 5.26 -3.01
C GLY A 133 -12.08 4.50 -1.85
N ALA A 134 -11.30 3.60 -1.29
CA ALA A 134 -11.71 2.83 -0.12
C ALA A 134 -11.58 3.59 1.19
N LEU A 135 -10.97 4.77 1.16
CA LEU A 135 -10.82 5.62 2.34
C LEU A 135 -12.03 6.53 2.52
N ALA A 136 -12.67 6.40 3.69
CA ALA A 136 -13.88 7.13 4.03
C ALA A 136 -13.91 7.41 5.50
N LYS A 137 -14.84 8.28 5.89
CA LYS A 137 -15.14 8.52 7.29
C LYS A 137 -15.98 7.36 7.81
N ARG A 138 -15.40 6.48 8.63
CA ARG A 138 -16.06 5.24 9.08
C ARG A 138 -15.28 4.64 10.23
N THR A 139 -15.83 3.60 10.86
CA THR A 139 -15.09 2.79 11.82
C THR A 139 -14.85 1.37 11.27
N TYR A 140 -14.15 0.54 12.06
CA TYR A 140 -13.60 -0.78 11.63
C TYR A 140 -13.95 -1.83 12.65
N PRO A 141 -14.20 -3.05 12.18
CA PRO A 141 -14.63 -4.07 13.11
C PRO A 141 -13.42 -4.74 13.74
N LYS A 142 -13.59 -5.25 14.97
CA LYS A 142 -12.52 -6.00 15.60
C LYS A 142 -12.30 -7.23 14.72
N ARG A 143 -11.05 -7.49 14.32
CA ARG A 143 -10.79 -8.64 13.47
C ARG A 143 -9.39 -9.16 13.69
N GLU A 144 -9.12 -10.29 13.04
CA GLU A 144 -7.78 -10.80 12.98
C GLU A 144 -7.19 -10.19 11.71
N GLY A 145 -6.05 -9.54 11.94
CA GLY A 145 -5.19 -9.04 10.93
C GLY A 145 -5.28 -7.53 11.00
N PRO A 146 -4.15 -6.86 10.77
CA PRO A 146 -4.18 -5.39 10.77
C PRO A 146 -4.92 -4.83 9.57
N VAL A 147 -5.52 -3.66 9.78
CA VAL A 147 -6.07 -2.83 8.73
C VAL A 147 -5.13 -1.67 8.57
N ILE A 148 -4.70 -1.45 7.32
CA ILE A 148 -3.66 -0.45 7.03
C ILE A 148 -4.27 0.59 6.11
N LEU A 149 -4.41 1.82 6.60
CA LEU A 149 -4.98 2.95 5.80
C LEU A 149 -3.79 3.74 5.27
N THR A 150 -3.86 4.17 3.99
CA THR A 150 -2.74 4.88 3.39
C THR A 150 -3.16 6.27 2.81
N PRO A 151 -3.68 7.16 3.66
CA PRO A 151 -4.16 8.45 3.17
C PRO A 151 -3.09 9.48 2.82
N HIS A 152 -3.30 10.16 1.71
CA HIS A 152 -2.75 11.49 1.46
C HIS A 152 -3.43 12.44 2.44
N PRO A 153 -2.80 13.58 2.77
CA PRO A 153 -3.47 14.53 3.69
C PRO A 153 -4.91 14.88 3.34
N GLY A 154 -5.26 14.99 2.05
CA GLY A 154 -6.63 15.27 1.70
C GLY A 154 -7.60 14.14 2.02
N GLU A 155 -7.12 12.92 1.89
CA GLU A 155 -7.87 11.74 2.27
C GLU A 155 -8.03 11.66 3.79
N PHE A 156 -7.00 12.09 4.51
CA PHE A 156 -7.03 12.11 5.97
C PHE A 156 -8.13 13.08 6.41
N PHE A 157 -8.25 14.20 5.72
CA PHE A 157 -9.29 15.16 6.01
C PHE A 157 -10.66 14.52 5.79
N ARG A 158 -10.81 13.78 4.70
CA ARG A 158 -12.06 13.13 4.39
C ARG A 158 -12.42 12.13 5.49
N MET A 159 -11.43 11.40 5.96
CA MET A 159 -11.60 10.42 7.03
C MET A 159 -11.95 11.00 8.40
N THR A 160 -11.33 12.12 8.73
CA THR A 160 -11.42 12.69 10.05
C THR A 160 -12.03 14.07 10.28
N GLY A 161 -12.11 14.88 9.24
CA GLY A 161 -12.57 16.24 9.39
C GLY A 161 -11.47 17.20 9.82
N VAL A 162 -10.25 16.70 10.01
CA VAL A 162 -9.13 17.59 10.34
C VAL A 162 -8.69 18.27 9.05
N PRO A 163 -8.83 19.59 8.96
CA PRO A 163 -8.44 20.23 7.69
C PRO A 163 -6.94 20.12 7.43
N VAL A 164 -6.60 20.05 6.14
CA VAL A 164 -5.22 19.77 5.71
C VAL A 164 -4.25 20.82 6.31
N ASN A 165 -4.65 22.09 6.29
CA ASN A 165 -3.74 23.13 6.81
C ASN A 165 -3.45 22.95 8.31
N GLU A 166 -4.38 22.37 9.06
CA GLU A 166 -4.12 22.09 10.46
C GLU A 166 -3.35 20.78 10.66
N LEU A 167 -3.77 19.74 9.94
CA LEU A 167 -3.06 18.46 9.92
C LEU A 167 -1.58 18.66 9.71
N GLN A 168 -1.22 19.49 8.74
CA GLN A 168 0.18 19.62 8.35
C GLN A 168 1.06 20.24 9.39
N LYS A 169 0.47 20.91 10.38
CA LYS A 169 1.23 21.48 11.48
C LYS A 169 1.62 20.49 12.56
N LYS A 170 0.91 19.35 12.63
CA LYS A 170 1.07 18.39 13.69
C LYS A 170 0.82 16.98 13.15
N ARG A 171 1.53 16.61 12.11
CA ARG A 171 1.19 15.40 11.36
C ARG A 171 1.25 14.12 12.20
N ALA A 172 2.32 13.95 12.94
CA ALA A 172 2.43 12.74 13.73
C ALA A 172 1.42 12.67 14.85
N GLU A 173 1.16 13.80 15.46
CA GLU A 173 0.21 13.86 16.52
C GLU A 173 -1.16 13.43 16.03
N TYR A 174 -1.59 13.98 14.91
CA TYR A 174 -2.88 13.59 14.36
C TYR A 174 -2.89 12.13 13.87
N ALA A 175 -1.85 11.68 13.21
CA ALA A 175 -1.79 10.30 12.73
C ALA A 175 -1.89 9.33 13.89
N LYS A 176 -1.13 9.59 14.95
CA LYS A 176 -1.15 8.73 16.12
C LYS A 176 -2.53 8.69 16.79
N GLU A 177 -3.14 9.85 16.98
CA GLU A 177 -4.44 9.97 17.62
C GLU A 177 -5.49 9.18 16.85
N TRP A 178 -5.45 9.26 15.53
CA TRP A 178 -6.47 8.60 14.71
C TRP A 178 -6.17 7.12 14.49
N ALA A 179 -4.89 6.73 14.44
CA ALA A 179 -4.58 5.31 14.41
C ALA A 179 -5.11 4.65 15.67
N ALA A 180 -4.92 5.33 16.78
CA ALA A 180 -5.43 4.80 18.08
C ALA A 180 -6.97 4.74 18.04
N GLN A 181 -7.62 5.84 17.66
CA GLN A 181 -9.08 5.92 17.71
C GLN A 181 -9.71 4.88 16.81
N LEU A 182 -9.17 4.70 15.60
CA LEU A 182 -9.73 3.79 14.59
C LEU A 182 -9.24 2.35 14.77
N GLN A 183 -8.17 2.18 15.53
CA GLN A 183 -7.47 0.91 15.64
C GLN A 183 -7.06 0.34 14.28
N THR A 184 -6.45 1.23 13.52
CA THR A 184 -5.88 0.90 12.21
C THR A 184 -4.43 1.44 12.17
N VAL A 185 -3.58 0.82 11.35
CA VAL A 185 -2.34 1.45 10.93
C VAL A 185 -2.71 2.64 10.03
N ILE A 186 -2.03 3.78 10.21
CA ILE A 186 -2.17 4.93 9.32
C ILE A 186 -0.81 5.28 8.78
N VAL A 187 -0.67 5.18 7.44
CA VAL A 187 0.49 5.67 6.68
C VAL A 187 0.06 7.03 6.13
N LEU A 188 0.41 8.10 6.84
CA LEU A 188 0.02 9.45 6.47
C LEU A 188 1.11 10.01 5.56
N LYS A 189 0.76 10.11 4.31
CA LYS A 189 1.71 10.42 3.27
C LYS A 189 2.16 11.85 3.25
N GLY A 190 3.26 12.05 2.54
CA GLY A 190 3.95 13.33 2.43
C GLY A 190 5.44 13.19 2.69
N ASN A 191 6.17 14.27 2.50
CA ASN A 191 7.51 14.36 3.06
C ASN A 191 7.44 13.89 4.52
N GLN A 192 8.39 13.08 4.94
CA GLN A 192 8.42 12.51 6.26
C GLN A 192 7.09 11.78 6.57
N THR A 193 6.76 10.82 5.71
CA THR A 193 5.54 10.06 5.87
C THR A 193 5.51 9.46 7.28
N VAL A 194 4.36 9.54 7.93
CA VAL A 194 4.17 8.99 9.29
C VAL A 194 3.62 7.59 9.18
N ILE A 195 4.19 6.65 9.92
CA ILE A 195 3.63 5.32 10.00
C ILE A 195 3.22 5.09 11.45
N ALA A 196 1.93 5.27 11.71
CA ALA A 196 1.36 5.15 13.04
C ALA A 196 0.60 3.88 13.23
N PHE A 197 0.93 3.17 14.29
CA PHE A 197 0.32 1.90 14.59
C PHE A 197 -0.72 1.98 15.70
N PRO A 198 -1.72 1.09 15.68
CA PRO A 198 -2.80 1.21 16.67
C PRO A 198 -2.40 0.84 18.06
N ASP A 199 -1.22 0.21 18.21
CA ASP A 199 -0.67 -0.09 19.51
C ASP A 199 0.16 1.04 20.06
N GLY A 200 0.17 2.15 19.33
CA GLY A 200 0.88 3.37 19.74
C GLY A 200 2.32 3.52 19.26
N ASP A 201 2.89 2.46 18.66
CA ASP A 201 4.17 2.62 17.99
C ASP A 201 3.99 3.63 16.82
N CYS A 202 5.01 4.41 16.55
CA CYS A 202 4.98 5.32 15.43
C CYS A 202 6.39 5.63 14.97
N TRP A 203 6.54 5.73 13.64
CA TRP A 203 7.79 6.04 13.00
C TRP A 203 7.59 7.08 11.92
N LEU A 204 8.68 7.72 11.55
CA LEU A 204 8.75 8.60 10.38
C LEU A 204 9.60 7.91 9.33
N ASN A 205 9.25 8.14 8.08
CA ASN A 205 10.04 7.62 7.00
C ASN A 205 11.07 8.65 6.56
N PRO A 206 12.35 8.26 6.47
CA PRO A 206 13.38 9.25 6.13
C PRO A 206 13.71 9.39 4.64
N THR A 207 13.10 8.55 3.79
CA THR A 207 13.49 8.53 2.39
C THR A 207 12.43 9.20 1.51
N GLY A 208 12.85 9.44 0.28
CA GLY A 208 12.01 10.08 -0.67
C GLY A 208 12.32 11.53 -0.92
N ASN A 209 11.69 12.07 -1.95
CA ASN A 209 11.85 13.44 -2.34
C ASN A 209 10.71 13.89 -3.24
N GLY A 210 10.81 15.13 -3.73
CA GLY A 210 9.76 15.71 -4.52
C GLY A 210 9.46 15.02 -5.82
N ALA A 211 10.33 14.13 -6.27
CA ALA A 211 10.03 13.32 -7.49
C ALA A 211 8.79 12.51 -7.30
N LEU A 212 8.46 12.20 -6.04
CA LEU A 212 7.26 11.44 -5.71
C LEU A 212 5.96 12.23 -5.78
N ALA A 213 6.04 13.55 -5.86
CA ALA A 213 4.86 14.42 -5.81
C ALA A 213 4.25 14.51 -7.19
N LYS A 214 3.70 13.38 -7.62
CA LYS A 214 3.10 13.24 -8.96
C LYS A 214 2.15 12.07 -8.94
N GLY A 215 1.08 12.20 -9.74
CA GLY A 215 0.13 11.13 -9.83
C GLY A 215 0.72 9.77 -10.03
N GLY A 216 0.23 8.81 -9.24
CA GLY A 216 0.51 7.41 -9.41
C GLY A 216 1.45 6.82 -8.39
N THR A 217 2.25 7.66 -7.74
CA THR A 217 3.28 7.11 -6.89
C THR A 217 2.71 6.43 -5.65
N GLY A 218 1.55 6.87 -5.21
CA GLY A 218 0.91 6.21 -4.10
C GLY A 218 0.27 4.90 -4.47
N ASP A 219 -0.23 4.79 -5.69
CA ASP A 219 -0.74 3.53 -6.21
C ASP A 219 0.39 2.47 -6.20
N THR A 220 1.56 2.87 -6.67
CA THR A 220 2.73 2.01 -6.62
C THR A 220 3.04 1.59 -5.19
N LEU A 221 3.01 2.54 -4.24
CA LEU A 221 3.24 2.22 -2.84
C LEU A 221 2.25 1.21 -2.29
N THR A 222 0.98 1.34 -2.60
CA THR A 222 0.01 0.39 -2.09
C THR A 222 0.39 -1.01 -2.55
N GLY A 223 0.79 -1.14 -3.80
CA GLY A 223 1.21 -2.45 -4.28
C GLY A 223 2.45 -2.95 -3.57
N MET A 224 3.43 -2.07 -3.36
CA MET A 224 4.60 -2.43 -2.58
C MET A 224 4.28 -2.97 -1.20
N ILE A 225 3.39 -2.26 -0.48
CA ILE A 225 3.00 -2.74 0.83
C ILE A 225 2.32 -4.12 0.74
N LEU A 226 1.43 -4.29 -0.24
CA LEU A 226 0.77 -5.54 -0.47
C LEU A 226 1.73 -6.71 -0.65
N GLY A 227 2.71 -6.57 -1.52
CA GLY A 227 3.73 -7.59 -1.73
C GLY A 227 4.56 -7.80 -0.47
N MET A 228 4.97 -6.72 0.21
CA MET A 228 5.83 -6.93 1.37
C MET A 228 5.08 -7.60 2.51
N LEU A 229 3.78 -7.39 2.62
CA LEU A 229 2.98 -8.14 3.60
C LEU A 229 2.99 -9.64 3.37
N CYS A 230 3.31 -10.08 2.16
CA CYS A 230 3.32 -11.46 1.81
C CYS A 230 4.65 -12.12 2.16
N CYS A 231 5.75 -11.37 2.14
CA CYS A 231 7.06 -11.98 2.36
C CYS A 231 7.68 -11.68 3.71
N HIS A 232 7.11 -10.71 4.46
CA HIS A 232 7.51 -10.48 5.85
C HIS A 232 6.59 -11.22 6.82
N GLU A 233 7.17 -11.89 7.80
CA GLU A 233 6.34 -12.46 8.86
C GLU A 233 5.66 -11.41 9.72
N ASP A 234 6.36 -10.30 9.95
CA ASP A 234 5.82 -9.21 10.78
C ASP A 234 5.22 -8.13 9.89
N PRO A 235 3.90 -7.92 9.87
CA PRO A 235 3.27 -6.95 8.94
C PRO A 235 3.70 -5.54 9.24
N LYS A 236 4.09 -5.27 10.49
CA LYS A 236 4.61 -3.92 10.81
C LYS A 236 5.87 -3.62 10.04
N HIS A 237 6.80 -4.59 10.01
CA HIS A 237 8.00 -4.44 9.25
C HIS A 237 7.74 -4.35 7.75
N ALA A 238 6.75 -5.10 7.24
CA ALA A 238 6.38 -4.99 5.82
C ALA A 238 6.02 -3.54 5.46
N VAL A 239 5.14 -2.91 6.25
CA VAL A 239 4.65 -1.56 5.94
C VAL A 239 5.84 -0.58 5.97
N LEU A 240 6.63 -0.69 7.04
CA LEU A 240 7.78 0.20 7.25
C LEU A 240 8.80 0.06 6.13
N ASN A 241 9.14 -1.18 5.77
CA ASN A 241 10.10 -1.41 4.67
C ASN A 241 9.57 -0.96 3.32
N ALA A 242 8.28 -1.13 3.07
CA ALA A 242 7.69 -0.71 1.82
C ALA A 242 7.80 0.80 1.66
N VAL A 243 7.36 1.53 2.70
CA VAL A 243 7.42 2.97 2.65
C VAL A 243 8.88 3.47 2.46
N TYR A 244 9.81 2.82 3.14
CA TYR A 244 11.21 3.19 3.09
C TYR A 244 11.80 2.95 1.70
N LEU A 245 11.59 1.74 1.18
CA LEU A 245 12.21 1.38 -0.09
C LEU A 245 11.56 2.16 -1.24
N HIS A 246 10.26 2.46 -1.15
CA HIS A 246 9.58 3.33 -2.10
C HIS A 246 10.28 4.68 -2.18
N GLY A 247 10.55 5.31 -1.05
CA GLY A 247 11.26 6.57 -1.05
C GLY A 247 12.71 6.46 -1.56
N ALA A 248 13.38 5.36 -1.22
CA ALA A 248 14.74 5.12 -1.62
C ALA A 248 14.85 5.03 -3.15
N CYS A 249 13.81 4.51 -3.77
CA CYS A 249 13.84 4.39 -5.24
C CYS A 249 13.85 5.79 -5.87
N ALA A 250 13.05 6.73 -5.30
CA ALA A 250 13.01 8.10 -5.79
C ALA A 250 14.37 8.76 -5.63
N GLU A 251 15.05 8.44 -4.53
CA GLU A 251 16.38 9.01 -4.30
C GLU A 251 17.41 8.48 -5.29
N LEU A 252 17.34 7.19 -5.62
CA LEU A 252 18.21 6.67 -6.65
C LEU A 252 17.94 7.38 -7.98
N TRP A 253 16.66 7.53 -8.33
CA TRP A 253 16.29 8.23 -9.55
C TRP A 253 16.95 9.60 -9.64
N THR A 254 16.92 10.39 -8.57
CA THR A 254 17.39 11.77 -8.68
C THR A 254 18.94 11.88 -8.72
N ASP A 255 19.67 10.75 -8.58
CA ASP A 255 21.12 10.84 -8.73
C ASP A 255 21.49 11.30 -10.14
N GLU A 256 20.81 10.78 -11.17
CA GLU A 256 21.15 11.10 -12.56
C GLU A 256 19.95 11.60 -13.40
N HIS A 257 18.80 11.79 -12.75
CA HIS A 257 17.60 12.26 -13.44
C HIS A 257 16.96 13.39 -12.67
N SER A 258 16.32 14.33 -13.37
CA SER A 258 15.64 15.43 -12.67
C SER A 258 14.44 14.93 -11.89
N ALA A 259 14.29 15.44 -10.67
CA ALA A 259 13.14 15.17 -9.84
C ALA A 259 11.82 15.55 -10.50
N HIS A 260 11.82 16.41 -11.50
CA HIS A 260 10.55 16.76 -12.17
C HIS A 260 10.01 15.66 -13.07
N THR A 261 10.85 14.67 -13.39
CA THR A 261 10.62 13.82 -14.57
C THR A 261 10.29 12.35 -14.28
N LEU A 262 10.20 11.93 -13.02
CA LEU A 262 9.93 10.58 -12.65
C LEU A 262 8.52 10.20 -12.98
N LEU A 263 8.33 9.01 -13.54
CA LEU A 263 6.98 8.41 -13.64
C LEU A 263 6.87 7.25 -12.63
N ALA A 264 5.73 7.17 -11.93
CA ALA A 264 5.56 6.21 -10.86
C ALA A 264 5.99 4.79 -11.19
N HIS A 265 5.59 4.30 -12.36
CA HIS A 265 5.92 2.90 -12.68
C HIS A 265 7.41 2.63 -12.62
N GLU A 266 8.25 3.67 -12.86
CA GLU A 266 9.68 3.49 -12.85
C GLU A 266 10.15 3.14 -11.43
N LEU A 267 9.40 3.55 -10.39
CA LEU A 267 9.79 3.18 -9.04
C LEU A 267 9.89 1.65 -8.94
N SER A 268 8.94 0.93 -9.51
CA SER A 268 8.95 -0.52 -9.52
C SER A 268 10.10 -1.11 -10.29
N ASP A 269 10.49 -0.44 -11.36
CA ASP A 269 11.62 -0.87 -12.22
C ASP A 269 12.94 -0.69 -11.45
N ILE A 270 13.01 0.30 -10.53
CA ILE A 270 14.23 0.68 -9.76
C ILE A 270 14.37 -0.21 -8.53
N LEU A 271 13.24 -0.60 -7.97
CA LEU A 271 13.20 -1.39 -6.74
C LEU A 271 14.13 -2.61 -6.76
N PRO A 272 14.20 -3.39 -7.87
CA PRO A 272 15.09 -4.57 -7.83
C PRO A 272 16.52 -4.25 -7.40
N ARG A 273 17.09 -3.18 -7.95
CA ARG A 273 18.48 -2.84 -7.61
C ARG A 273 18.59 -2.19 -6.23
N VAL A 274 17.63 -1.35 -5.87
CA VAL A 274 17.63 -0.68 -4.57
C VAL A 274 17.50 -1.70 -3.44
N TRP A 275 16.58 -2.64 -3.59
CA TRP A 275 16.37 -3.68 -2.59
C TRP A 275 17.68 -4.48 -2.40
N LYS A 276 18.37 -4.84 -3.48
CA LYS A 276 19.63 -5.59 -3.39
C LYS A 276 20.62 -4.91 -2.44
N ARG A 277 20.68 -3.58 -2.51
CA ARG A 277 21.62 -2.80 -1.73
C ARG A 277 21.43 -2.95 -0.22
N PHE A 278 20.22 -3.29 0.19
CA PHE A 278 19.84 -3.43 1.61
C PHE A 278 19.89 -4.86 2.13
N GLU A 279 20.34 -5.76 1.27
CA GLU A 279 20.43 -7.18 1.59
C GLU A 279 21.81 -7.56 2.13
MG MG B . -3.36 8.00 -3.33
PA B4P C . -0.57 9.54 -3.28
O1A B4P C . -0.96 10.91 -2.95
O2A B4P C . -1.42 8.41 -2.76
O3A B4P C . -0.49 9.44 -4.92
PB B4P C . -1.60 8.74 -5.94
O1B B4P C . -0.87 7.69 -6.71
O2B B4P C . -2.82 8.37 -5.20
O3B B4P C . -1.91 9.92 -6.96
PG B4P C . -3.29 10.73 -7.26
O1G B4P C . -4.40 9.73 -7.59
O2G B4P C . -2.91 11.79 -8.25
O3G B4P C . -3.62 11.34 -5.81
PD B4P C . -4.47 12.70 -5.48
O1D B4P C . -5.60 12.92 -6.48
O2D B4P C . -3.49 13.80 -5.15
O5E B4P C . 0.94 9.20 -2.97
C5E B4P C . 1.97 10.16 -3.08
C4E B4P C . 3.26 9.48 -2.68
O4E B4P C . 4.37 10.37 -2.91
C3E B4P C . 3.33 9.16 -1.17
O3E B4P C . 4.10 7.99 -0.93
C2E B4P C . 3.91 10.44 -0.62
O2E B4P C . 4.49 10.28 0.71
C1E B4P C . 4.98 10.69 -1.65
N9A B4P C . 5.43 12.07 -1.70
C8A B4P C . 4.80 13.09 -2.28
N7A B4P C . 5.48 14.24 -2.17
C5A B4P C . 6.65 13.89 -1.50
C6A B4P C . 7.78 14.61 -1.06
N6A B4P C . 7.84 15.92 -1.28
N1A B4P C . 8.73 13.94 -0.40
C2A B4P C . 8.67 12.60 -0.16
N3A B4P C . 7.62 11.87 -0.58
C4A B4P C . 6.61 12.51 -1.19
O5F B4P C . -5.09 12.13 -4.10
C5F B4P C . -5.62 13.11 -3.17
C4F B4P C . -7.07 12.76 -2.85
O4F B4P C . -7.49 13.54 -1.69
C3F B4P C . -8.12 13.10 -3.91
O3F B4P C . -9.23 12.22 -3.81
C2F B4P C . -8.72 14.37 -3.44
O2F B4P C . -9.66 15.00 -4.14
C1F B4P C . -8.25 14.66 -2.24
N9B B4P C . -8.25 15.83 -1.53
C8B B4P C . -9.21 16.28 -0.70
N7B B4P C . -8.74 17.47 -0.21
C5B B4P C . -7.48 17.70 -0.76
C6B B4P C . -6.54 18.71 -0.61
N6B B4P C . -6.78 19.78 0.19
N1B B4P C . -5.36 18.62 -1.30
C2B B4P C . -5.09 17.59 -2.13
N3B B4P C . -5.98 16.59 -2.29
C4B B4P C . -7.17 16.63 -1.61
PA B4P D . 8.18 9.82 22.89
O1A B4P D . 9.49 9.26 23.37
O2A B4P D . 6.91 9.74 23.73
O3A B4P D . 8.48 11.36 22.40
PB B4P D . 8.48 12.69 23.34
O1B B4P D . 8.87 13.90 22.47
O2B B4P D . 7.12 12.74 24.03
O3B B4P D . 9.68 12.31 24.42
PG B4P D . 11.31 12.16 24.19
O1G B4P D . 11.66 11.10 23.15
O2G B4P D . 11.97 12.02 25.56
O3G B4P D . 11.60 13.60 23.55
O5E B4P D . 7.94 9.27 21.37
C5E B4P D . 6.85 9.79 20.58
C4E B4P D . 6.10 8.64 19.93
O4E B4P D . 7.00 7.96 19.05
C3E B4P D . 5.59 7.58 20.93
O3E B4P D . 4.33 7.93 21.54
C2E B4P D . 5.48 6.40 19.99
O2E B4P D . 4.25 6.53 19.25
C1E B4P D . 6.69 6.58 19.04
N9A B4P D . 7.84 5.77 19.51
C8A B4P D . 8.85 6.17 20.34
N7A B4P D . 9.71 5.14 20.56
C5A B4P D . 9.26 4.04 19.87
C6A B4P D . 9.68 2.72 19.65
N6A B4P D . 10.81 2.23 20.23
N1A B4P D . 8.96 1.91 18.85
C2A B4P D . 7.82 2.38 18.24
N3A B4P D . 7.35 3.64 18.39
C4A B4P D . 8.02 4.50 19.17
PA B4P E . -13.64 -17.46 -10.81
O1A B4P E . -14.72 -17.75 -9.78
O2A B4P E . -13.27 -18.51 -11.84
O3A B4P E . -14.05 -16.04 -11.52
O5E B4P E . -12.24 -17.15 -10.03
C5E B4P E . -11.02 -16.83 -10.69
C4E B4P E . -10.05 -16.16 -9.70
O4E B4P E . -10.80 -15.20 -8.94
C3E B4P E . -9.41 -17.09 -8.69
O3E B4P E . -8.00 -16.89 -8.73
C2E B4P E . -9.89 -16.67 -7.31
O2E B4P E . -8.75 -16.45 -6.46
C1E B4P E . -10.66 -15.36 -7.53
N9A B4P E . -11.97 -15.41 -6.86
C8A B4P E . -13.13 -15.93 -7.34
N7A B4P E . -14.15 -15.80 -6.43
C5A B4P E . -13.63 -15.19 -5.33
C6A B4P E . -14.14 -14.80 -4.08
N6A B4P E . -15.44 -14.99 -3.73
N1A B4P E . -13.27 -14.21 -3.21
C2A B4P E . -11.96 -13.95 -3.51
N3A B4P E . -11.41 -14.30 -4.69
C4A B4P E . -12.19 -14.92 -5.62
CL CL F . 1.51 14.35 -3.15
#